data_5E2W
#
_entry.id   5E2W
#
_cell.length_a   115.620
_cell.length_b   61.020
_cell.length_c   84.120
_cell.angle_alpha   90.00
_cell.angle_beta   133.11
_cell.angle_gamma   90.00
#
_symmetry.space_group_name_H-M   'C 1 2 1'
#
loop_
_entity.id
_entity.type
_entity.pdbx_description
1 polymer 'AT8 LIGHT CHAIN'
2 polymer 'AT8 HEAVY CHAIN'
3 polymer TAU-PHOSPHOPEPTIDE
4 water water
#
loop_
_entity_poly.entity_id
_entity_poly.type
_entity_poly.pdbx_seq_one_letter_code
_entity_poly.pdbx_strand_id
1 'polypeptide(L)'
;DIVMTQAAPSVPVTPGESVSISCRSSKSLLHSNGNTYLYWFLQRPGQSPQLLIHRMSNLASGVPDRFSGSGSGTAFTLRI
SRVEAEDVGVYYCMQHLEYPYTFGGGTRLEVKRTVAAPSVFIFPPSDEQLKSGTASVVCLLNNFYPREAKVQWKVDNALQ
SGNSQESVTEQDSKDSTYSLSSTLTLSKADYEKHKVYACEVTHQGLSSPVTKSFNRGEC
;
L
2 'polypeptide(L)'
;DVQLQESGPGLVKPSQSLSLTCSVTDYSITSGYYWNWIRQFPGNKLEWMGYISYDGSNNYNPSLKNRISITRDPSKDQFF
LNLNSVTTEDTATYYCTRGSLVWGQGTLVTVSAASTKGPSVFPLAPSSKSTSGGTAALGCLVKDYFPEPVTVSWNSGALT
SGVHTFPAVLQSSGLYSLSSVVTVPSSSLGTQTYICNVNHKPSNTKVDKKVEPKSCHHHHHH
;
H
3 'polypeptide(L)' RSGYSSPG(SEP)PG(TPO)PG(SEP)RSR P
#
# COMPACT_ATOMS: atom_id res chain seq x y z
N ASP A 1 1.39 27.66 4.79
CA ASP A 1 2.22 26.46 4.50
C ASP A 1 2.84 26.50 3.10
N ILE A 2 4.04 25.94 2.98
CA ILE A 2 4.68 25.79 1.68
C ILE A 2 4.02 24.61 0.94
N VAL A 3 3.61 24.86 -0.30
CA VAL A 3 2.97 23.83 -1.12
C VAL A 3 4.03 23.17 -2.00
N MET A 4 4.10 21.84 -1.92
CA MET A 4 5.05 21.05 -2.70
C MET A 4 4.31 20.33 -3.82
N THR A 5 4.82 20.45 -5.03
CA THR A 5 4.15 19.88 -6.20
C THR A 5 5.07 18.95 -6.99
N GLN A 6 4.58 17.74 -7.22
CA GLN A 6 5.22 16.81 -8.13
C GLN A 6 4.25 16.59 -9.28
N ALA A 7 4.62 17.15 -10.44
CA ALA A 7 3.75 17.23 -11.60
C ALA A 7 3.44 15.86 -12.22
N ALA A 8 4.42 14.96 -12.17
CA ALA A 8 4.27 13.64 -12.76
C ALA A 8 3.77 12.62 -11.72
N PRO A 9 2.62 11.99 -11.99
CA PRO A 9 2.09 10.94 -11.11
C PRO A 9 2.94 9.68 -11.16
N SER A 10 3.51 9.39 -12.33
CA SER A 10 4.34 8.22 -12.53
C SER A 10 5.34 8.45 -13.67
N VAL A 11 6.42 7.67 -13.67
CA VAL A 11 7.40 7.68 -14.77
C VAL A 11 7.87 6.27 -15.07
N PRO A 12 7.85 5.89 -16.37
CA PRO A 12 8.37 4.59 -16.77
C PRO A 12 9.86 4.67 -17.10
N VAL A 13 10.60 3.60 -16.81
CA VAL A 13 12.04 3.57 -17.07
C VAL A 13 12.55 2.14 -17.35
N THR A 14 13.30 2.00 -18.44
CA THR A 14 13.95 0.74 -18.78
C THR A 14 15.08 0.45 -17.80
N PRO A 15 15.14 -0.78 -17.25
CA PRO A 15 16.22 -1.11 -16.33
C PRO A 15 17.61 -0.87 -16.93
N GLY A 16 18.50 -0.29 -16.14
CA GLY A 16 19.84 0.07 -16.59
C GLY A 16 19.91 1.50 -17.09
N GLU A 17 18.77 2.08 -17.43
CA GLU A 17 18.70 3.48 -17.88
C GLU A 17 18.47 4.41 -16.70
N SER A 18 18.58 5.72 -16.97
CA SER A 18 18.40 6.72 -15.92
C SER A 18 17.08 7.48 -16.06
N VAL A 19 16.64 8.07 -14.96
CA VAL A 19 15.39 8.82 -14.93
C VAL A 19 15.51 10.01 -13.97
N SER A 20 14.84 11.10 -14.33
CA SER A 20 14.77 12.28 -13.48
C SER A 20 13.34 12.51 -13.01
N ILE A 21 13.19 12.78 -11.72
CA ILE A 21 11.89 13.07 -11.12
C ILE A 21 11.87 14.50 -10.61
N SER A 22 10.87 15.27 -11.05
CA SER A 22 10.77 16.71 -10.74
C SER A 22 9.94 17.01 -9.50
N CYS A 23 10.30 18.07 -8.81
CA CYS A 23 9.53 18.60 -7.69
C CYS A 23 9.59 20.13 -7.73
N ARG A 24 8.52 20.78 -7.27
CA ARG A 24 8.48 22.24 -7.16
C ARG A 24 7.92 22.70 -5.81
N SER A 25 8.42 23.83 -5.33
CA SER A 25 7.93 24.44 -4.10
C SER A 25 7.33 25.81 -4.38
N SER A 26 6.38 26.21 -3.53
CA SER A 26 5.67 27.49 -3.69
C SER A 26 6.52 28.69 -3.23
N LYS A 27 7.61 28.40 -2.54
CA LYS A 27 8.52 29.40 -1.98
C LYS A 27 9.93 28.83 -2.10
N SER A 28 10.94 29.70 -2.20
CA SER A 28 12.33 29.23 -2.28
C SER A 28 12.71 28.49 -1.02
N LEU A 29 13.46 27.39 -1.19
CA LEU A 29 13.89 26.59 -0.05
C LEU A 29 15.36 26.86 0.30
N LEU A 30 15.93 27.86 -0.35
CA LEU A 30 17.30 28.29 -0.07
C LEU A 30 17.38 29.05 1.25
N HIS A 31 18.37 28.71 2.06
CA HIS A 31 18.59 29.35 3.35
C HIS A 31 19.87 30.20 3.27
N SER A 32 19.98 31.20 4.14
CA SER A 32 21.15 32.07 4.18
C SER A 32 22.45 31.33 4.52
N ASN A 33 22.35 30.13 5.10
CA ASN A 33 23.53 29.32 5.41
C ASN A 33 24.09 28.60 4.18
N GLY A 34 23.43 28.76 3.04
CA GLY A 34 23.90 28.20 1.77
C GLY A 34 23.20 26.92 1.36
N ASN A 35 22.54 26.26 2.30
CA ASN A 35 21.83 25.01 2.01
C ASN A 35 20.43 25.25 1.47
N THR A 36 19.94 24.31 0.66
CA THR A 36 18.56 24.32 0.18
C THR A 36 17.82 23.14 0.81
N TYR A 37 16.74 23.43 1.52
CA TYR A 37 16.14 22.43 2.42
C TYR A 37 15.02 21.63 1.76
N LEU A 38 15.46 20.74 0.87
CA LEU A 38 14.59 19.87 0.10
C LEU A 38 15.10 18.44 0.28
N TYR A 39 14.25 17.57 0.80
CA TYR A 39 14.60 16.16 1.04
C TYR A 39 13.82 15.24 0.10
N TRP A 40 14.42 14.11 -0.24
CA TRP A 40 13.78 13.11 -1.08
C TRP A 40 13.67 11.77 -0.36
N PHE A 41 12.51 11.13 -0.51
CA PHE A 41 12.23 9.83 0.08
C PHE A 41 11.77 8.84 -0.98
N LEU A 42 12.07 7.56 -0.77
CA LEU A 42 11.48 6.47 -1.56
C LEU A 42 10.64 5.59 -0.63
N GLN A 43 9.42 5.29 -1.07
CA GLN A 43 8.61 4.30 -0.38
C GLN A 43 8.37 3.12 -1.31
N ARG A 44 9.05 2.02 -1.01
CA ARG A 44 8.84 0.77 -1.72
C ARG A 44 7.52 0.14 -1.27
N PRO A 45 6.88 -0.68 -2.14
CA PRO A 45 5.59 -1.26 -1.79
C PRO A 45 5.63 -2.03 -0.47
N GLY A 46 4.68 -1.73 0.40
CA GLY A 46 4.57 -2.39 1.71
C GLY A 46 5.56 -1.95 2.77
N GLN A 47 6.40 -0.97 2.43
CA GLN A 47 7.48 -0.51 3.31
C GLN A 47 7.26 0.93 3.79
N SER A 48 7.98 1.30 4.84
CA SER A 48 8.03 2.69 5.31
C SER A 48 8.81 3.53 4.31
N PRO A 49 8.52 4.84 4.22
CA PRO A 49 9.41 5.70 3.43
C PRO A 49 10.85 5.60 3.93
N GLN A 50 11.80 5.81 3.03
CA GLN A 50 13.22 5.85 3.40
C GLN A 50 13.88 7.09 2.80
N LEU A 51 14.72 7.74 3.58
CA LEU A 51 15.44 8.92 3.12
C LEU A 51 16.47 8.56 2.06
N LEU A 52 16.46 9.32 0.96
CA LEU A 52 17.47 9.16 -0.10
C LEU A 52 18.46 10.33 -0.12
N ILE A 53 17.93 11.54 -0.08
CA ILE A 53 18.69 12.78 -0.27
C ILE A 53 18.22 13.79 0.78
N HIS A 54 19.16 14.41 1.48
CA HIS A 54 18.84 15.53 2.36
C HIS A 54 19.49 16.82 1.85
N ARG A 55 18.92 17.96 2.23
CA ARG A 55 19.47 19.26 1.83
C ARG A 55 19.78 19.31 0.32
N MET A 56 18.79 18.90 -0.46
CA MET A 56 18.76 18.99 -1.94
C MET A 56 19.70 18.04 -2.69
N SER A 57 20.95 17.94 -2.25
CA SER A 57 21.96 17.25 -3.06
C SER A 57 22.85 16.29 -2.27
N ASN A 58 22.56 16.09 -1.00
CA ASN A 58 23.39 15.22 -0.15
C ASN A 58 22.83 13.82 -0.03
N LEU A 59 23.62 12.83 -0.43
CA LEU A 59 23.23 11.44 -0.31
C LEU A 59 23.18 11.03 1.17
N ALA A 60 22.07 10.41 1.55
CA ALA A 60 21.89 9.95 2.92
C ALA A 60 22.70 8.68 3.17
N SER A 61 22.93 8.36 4.44
CA SER A 61 23.64 7.15 4.84
C SER A 61 22.90 5.89 4.36
N GLY A 62 23.68 4.91 3.91
CA GLY A 62 23.14 3.60 3.52
C GLY A 62 22.35 3.58 2.22
N VAL A 63 22.45 4.64 1.43
CA VAL A 63 21.71 4.77 0.17
C VAL A 63 22.67 4.58 -1.00
N PRO A 64 22.29 3.75 -2.00
CA PRO A 64 23.15 3.57 -3.18
C PRO A 64 23.42 4.88 -3.89
N ASP A 65 24.62 5.02 -4.44
CA ASP A 65 25.04 6.30 -5.02
C ASP A 65 24.46 6.57 -6.41
N ARG A 66 23.62 5.65 -6.89
CA ARG A 66 22.87 5.89 -8.13
C ARG A 66 21.78 6.95 -7.94
N PHE A 67 21.51 7.29 -6.69
CA PHE A 67 20.57 8.37 -6.38
C PHE A 67 21.32 9.66 -6.19
N SER A 68 20.89 10.71 -6.89
CA SER A 68 21.48 12.04 -6.71
C SER A 68 20.41 13.11 -6.80
N GLY A 69 20.68 14.26 -6.19
CA GLY A 69 19.74 15.38 -6.21
C GLY A 69 20.37 16.68 -6.68
N SER A 70 19.56 17.48 -7.36
CA SER A 70 19.98 18.81 -7.81
C SER A 70 18.78 19.75 -7.78
N GLY A 71 19.04 21.03 -8.03
CA GLY A 71 17.99 22.02 -8.11
C GLY A 71 18.44 23.43 -7.80
N SER A 72 17.46 24.34 -7.77
CA SER A 72 17.71 25.76 -7.54
C SER A 72 16.42 26.46 -7.12
N GLY A 73 16.41 26.97 -5.89
CA GLY A 73 15.32 27.81 -5.40
C GLY A 73 14.00 27.09 -5.18
N THR A 74 13.22 26.95 -6.26
CA THR A 74 11.89 26.36 -6.19
C THR A 74 11.70 25.14 -7.10
N ALA A 75 12.76 24.77 -7.82
CA ALA A 75 12.71 23.64 -8.75
C ALA A 75 13.80 22.63 -8.43
N PHE A 76 13.42 21.35 -8.35
CA PHE A 76 14.32 20.30 -7.87
C PHE A 76 14.15 19.01 -8.67
N THR A 77 15.23 18.25 -8.76
CA THR A 77 15.26 17.01 -9.53
C THR A 77 16.00 15.92 -8.78
N LEU A 78 15.35 14.76 -8.65
CA LEU A 78 16.01 13.54 -8.21
C LEU A 78 16.41 12.73 -9.44
N ARG A 79 17.69 12.41 -9.56
CA ARG A 79 18.14 11.55 -10.65
C ARG A 79 18.46 10.16 -10.13
N ILE A 80 17.93 9.15 -10.81
CA ILE A 80 18.24 7.76 -10.50
C ILE A 80 18.94 7.18 -11.70
N SER A 81 20.22 6.88 -11.54
CA SER A 81 20.98 6.28 -12.62
C SER A 81 20.90 4.76 -12.51
N ARG A 82 21.02 4.09 -13.66
CA ARG A 82 21.08 2.62 -13.72
C ARG A 82 19.96 1.96 -12.90
N VAL A 83 18.72 2.33 -13.22
CA VAL A 83 17.54 1.87 -12.49
C VAL A 83 17.47 0.35 -12.40
N GLU A 84 17.16 -0.14 -11.20
CA GLU A 84 17.05 -1.55 -10.93
C GLU A 84 15.68 -1.88 -10.36
N ALA A 85 15.35 -3.16 -10.31
CA ALA A 85 14.03 -3.62 -9.84
C ALA A 85 13.68 -3.12 -8.44
N GLU A 86 14.68 -3.03 -7.58
CA GLU A 86 14.49 -2.59 -6.19
C GLU A 86 14.12 -1.11 -6.09
N ASP A 87 14.21 -0.39 -7.20
CA ASP A 87 13.92 1.04 -7.23
C ASP A 87 12.44 1.37 -7.45
N VAL A 88 11.62 0.36 -7.72
CA VAL A 88 10.18 0.57 -7.88
C VAL A 88 9.53 1.03 -6.57
N GLY A 89 8.64 2.00 -6.69
CA GLY A 89 7.94 2.56 -5.55
C GLY A 89 7.57 4.00 -5.84
N VAL A 90 7.25 4.75 -4.79
CA VAL A 90 6.85 6.14 -4.96
C VAL A 90 7.90 7.05 -4.33
N TYR A 91 8.30 8.06 -5.10
CA TYR A 91 9.32 9.02 -4.67
C TYR A 91 8.64 10.31 -4.25
N TYR A 92 8.94 10.77 -3.05
CA TYR A 92 8.34 11.98 -2.48
C TYR A 92 9.41 13.00 -2.19
N CYS A 93 9.15 14.26 -2.54
CA CYS A 93 9.95 15.36 -2.04
C CYS A 93 9.28 15.95 -0.80
N MET A 94 10.07 16.58 0.05
CA MET A 94 9.58 17.23 1.26
C MET A 94 10.41 18.47 1.54
N GLN A 95 9.74 19.61 1.72
CA GLN A 95 10.45 20.80 2.17
C GLN A 95 10.72 20.75 3.66
N HIS A 96 11.89 21.25 4.04
CA HIS A 96 12.39 21.19 5.40
C HIS A 96 12.87 22.59 5.85
N LEU A 97 12.41 23.62 5.14
CA LEU A 97 12.79 24.99 5.47
C LEU A 97 11.95 25.56 6.62
N GLU A 98 10.64 25.41 6.52
CA GLU A 98 9.70 25.98 7.47
C GLU A 98 8.72 24.95 8.01
N TYR A 99 8.29 25.15 9.25
CA TYR A 99 7.22 24.38 9.84
C TYR A 99 5.87 24.89 9.33
N PRO A 100 4.92 23.98 9.05
CA PRO A 100 5.07 22.52 9.11
C PRO A 100 5.83 21.99 7.91
N TYR A 101 6.59 20.91 8.10
CA TYR A 101 7.21 20.23 6.97
C TYR A 101 6.08 19.73 6.08
N THR A 102 6.25 19.84 4.76
CA THR A 102 5.22 19.44 3.79
C THR A 102 5.78 18.59 2.66
N PHE A 103 4.97 17.64 2.20
CA PHE A 103 5.36 16.66 1.19
C PHE A 103 4.69 16.93 -0.14
N GLY A 104 5.41 16.62 -1.22
CA GLY A 104 4.79 16.50 -2.54
C GLY A 104 3.90 15.27 -2.60
N GLY A 105 3.06 15.18 -3.64
CA GLY A 105 2.10 14.09 -3.78
C GLY A 105 2.69 12.75 -4.24
N GLY A 106 3.97 12.76 -4.61
CA GLY A 106 4.67 11.54 -5.00
C GLY A 106 4.66 11.26 -6.49
N THR A 107 5.74 10.63 -6.94
CA THR A 107 5.86 10.15 -8.32
C THR A 107 6.23 8.67 -8.27
N ARG A 108 5.37 7.84 -8.86
CA ARG A 108 5.61 6.41 -8.88
C ARG A 108 6.59 6.06 -10.00
N LEU A 109 7.62 5.30 -9.66
CA LEU A 109 8.53 4.79 -10.67
C LEU A 109 8.08 3.41 -11.11
N GLU A 110 7.90 3.29 -12.42
CA GLU A 110 7.51 2.05 -13.07
C GLU A 110 8.69 1.56 -13.90
N VAL A 111 9.07 0.30 -13.69
CA VAL A 111 10.06 -0.35 -14.54
C VAL A 111 9.40 -0.76 -15.86
N LYS A 112 9.97 -0.29 -16.96
CA LYS A 112 9.46 -0.62 -18.29
C LYS A 112 10.04 -1.95 -18.74
N ARG A 113 9.17 -2.86 -19.17
CA ARG A 113 9.59 -4.15 -19.70
C ARG A 113 8.84 -4.45 -20.98
N THR A 114 9.17 -5.56 -21.63
CA THR A 114 8.47 -5.97 -22.84
C THR A 114 6.99 -6.21 -22.54
N VAL A 115 6.14 -5.97 -23.53
CA VAL A 115 4.72 -6.19 -23.39
C VAL A 115 4.46 -7.67 -23.07
N ALA A 116 3.64 -7.90 -22.05
CA ALA A 116 3.26 -9.24 -21.63
C ALA A 116 1.75 -9.32 -21.51
N ALA A 117 1.14 -10.25 -22.24
CA ALA A 117 -0.30 -10.45 -22.18
C ALA A 117 -0.67 -11.14 -20.87
N PRO A 118 -1.83 -10.76 -20.29
CA PRO A 118 -2.27 -11.46 -19.08
C PRO A 118 -2.81 -12.85 -19.40
N SER A 119 -2.53 -13.80 -18.52
CA SER A 119 -3.24 -15.07 -18.51
CA SER A 119 -3.26 -15.07 -18.53
C SER A 119 -4.54 -14.83 -17.75
N VAL A 120 -5.66 -15.21 -18.34
CA VAL A 120 -6.98 -14.89 -17.76
C VAL A 120 -7.71 -16.13 -17.27
N PHE A 121 -8.25 -16.03 -16.05
CA PHE A 121 -8.99 -17.12 -15.41
C PHE A 121 -10.30 -16.57 -14.85
N ILE A 122 -11.37 -17.34 -15.03
CA ILE A 122 -12.66 -17.00 -14.43
C ILE A 122 -13.03 -18.02 -13.34
N PHE A 123 -13.55 -17.52 -12.22
CA PHE A 123 -13.94 -18.36 -11.10
C PHE A 123 -15.42 -18.13 -10.75
N PRO A 124 -16.24 -19.19 -10.87
CA PRO A 124 -17.63 -19.10 -10.43
C PRO A 124 -17.73 -18.99 -8.90
N PRO A 125 -18.88 -18.52 -8.39
CA PRO A 125 -19.05 -18.48 -6.93
C PRO A 125 -19.03 -19.89 -6.37
N SER A 126 -18.46 -20.04 -5.18
CA SER A 126 -18.42 -21.32 -4.49
C SER A 126 -19.83 -21.68 -4.01
N ASP A 127 -20.07 -22.98 -3.83
CA ASP A 127 -21.35 -23.46 -3.32
C ASP A 127 -21.59 -22.93 -1.90
N GLU A 128 -20.51 -22.83 -1.13
CA GLU A 128 -20.55 -22.33 0.24
C GLU A 128 -21.08 -20.90 0.30
N GLN A 129 -20.60 -20.03 -0.58
CA GLN A 129 -21.07 -18.65 -0.63
C GLN A 129 -22.52 -18.54 -1.11
N LEU A 130 -22.88 -19.38 -2.09
CA LEU A 130 -24.21 -19.33 -2.69
C LEU A 130 -25.34 -19.57 -1.70
N LYS A 131 -25.03 -20.20 -0.56
CA LYS A 131 -25.98 -20.34 0.54
C LYS A 131 -26.38 -18.98 1.14
N SER A 132 -25.44 -18.04 1.12
CA SER A 132 -25.59 -16.76 1.82
C SER A 132 -26.54 -15.76 1.17
N GLY A 133 -26.89 -16.00 -0.10
CA GLY A 133 -27.74 -15.08 -0.84
C GLY A 133 -26.97 -14.09 -1.68
N THR A 134 -25.65 -14.20 -1.66
CA THR A 134 -24.77 -13.36 -2.48
C THR A 134 -23.87 -14.26 -3.32
N ALA A 135 -23.54 -13.79 -4.51
CA ALA A 135 -22.66 -14.51 -5.43
C ALA A 135 -21.51 -13.60 -5.89
N SER A 136 -20.29 -14.04 -5.64
CA SER A 136 -19.11 -13.32 -6.11
C SER A 136 -18.48 -14.10 -7.27
N VAL A 137 -18.32 -13.42 -8.40
CA VAL A 137 -17.66 -13.99 -9.57
C VAL A 137 -16.33 -13.28 -9.76
N VAL A 138 -15.25 -14.05 -9.89
CA VAL A 138 -13.91 -13.49 -9.90
C VAL A 138 -13.19 -13.74 -11.23
N CYS A 139 -12.63 -12.66 -11.77
CA CYS A 139 -11.79 -12.74 -12.95
C CYS A 139 -10.36 -12.36 -12.59
N LEU A 140 -9.42 -13.24 -12.92
CA LEU A 140 -8.00 -13.03 -12.63
C LEU A 140 -7.21 -12.75 -13.92
N LEU A 141 -6.47 -11.65 -13.91
CA LEU A 141 -5.52 -11.32 -14.98
C LEU A 141 -4.12 -11.42 -14.39
N ASN A 142 -3.35 -12.39 -14.85
CA ASN A 142 -2.08 -12.71 -14.22
C ASN A 142 -0.85 -12.33 -15.03
N ASN A 143 0.09 -11.66 -14.36
CA ASN A 143 1.42 -11.32 -14.90
C ASN A 143 1.39 -10.60 -16.26
N PHE A 144 0.90 -9.36 -16.25
CA PHE A 144 0.84 -8.56 -17.48
C PHE A 144 1.63 -7.26 -17.39
N TYR A 145 1.96 -6.71 -18.56
CA TYR A 145 2.58 -5.39 -18.68
C TYR A 145 2.26 -4.85 -20.08
N PRO A 146 1.88 -3.55 -20.18
CA PRO A 146 1.78 -2.52 -19.14
C PRO A 146 0.55 -2.64 -18.26
N ARG A 147 0.41 -1.69 -17.33
CA ARG A 147 -0.63 -1.72 -16.30
C ARG A 147 -2.05 -1.57 -16.84
N GLU A 148 -2.20 -0.79 -17.92
CA GLU A 148 -3.52 -0.52 -18.49
C GLU A 148 -4.18 -1.79 -19.02
N ALA A 149 -5.34 -2.10 -18.46
CA ALA A 149 -6.12 -3.28 -18.86
C ALA A 149 -7.60 -3.03 -18.56
N LYS A 150 -8.43 -3.31 -19.54
CA LYS A 150 -9.87 -3.15 -19.40
C LYS A 150 -10.53 -4.50 -19.15
N VAL A 151 -11.37 -4.55 -18.12
CA VAL A 151 -12.14 -5.74 -17.79
C VAL A 151 -13.63 -5.42 -17.95
N GLN A 152 -14.30 -6.19 -18.80
CA GLN A 152 -15.71 -6.02 -19.08
C GLN A 152 -16.47 -7.26 -18.64
N TRP A 153 -17.36 -7.08 -17.65
CA TRP A 153 -18.25 -8.16 -17.22
C TRP A 153 -19.49 -8.22 -18.11
N LYS A 154 -19.80 -9.43 -18.56
CA LYS A 154 -20.98 -9.68 -19.39
C LYS A 154 -21.82 -10.80 -18.80
N VAL A 155 -23.07 -10.49 -18.49
CA VAL A 155 -24.02 -11.48 -17.99
C VAL A 155 -25.07 -11.74 -19.07
N ASP A 156 -25.05 -12.94 -19.64
CA ASP A 156 -25.85 -13.30 -20.82
C ASP A 156 -25.72 -12.26 -21.94
N ASN A 157 -24.47 -11.97 -22.30
CA ASN A 157 -24.13 -11.00 -23.36
C ASN A 157 -24.60 -9.56 -23.08
N ALA A 158 -24.88 -9.26 -21.81
CA ALA A 158 -25.28 -7.91 -21.40
C ALA A 158 -24.19 -7.23 -20.57
N LEU A 159 -23.85 -6.01 -20.97
CA LEU A 159 -22.76 -5.24 -20.35
C LEU A 159 -23.11 -4.79 -18.94
N GLN A 160 -22.23 -5.11 -17.98
CA GLN A 160 -22.45 -4.77 -16.57
C GLN A 160 -21.82 -3.43 -16.21
N SER A 161 -22.42 -2.76 -15.22
CA SER A 161 -21.92 -1.48 -14.75
C SER A 161 -22.25 -1.25 -13.28
N GLY A 162 -21.26 -0.81 -12.51
CA GLY A 162 -21.45 -0.43 -11.11
C GLY A 162 -21.67 -1.57 -10.13
N ASN A 163 -21.41 -2.79 -10.56
CA ASN A 163 -21.58 -3.98 -9.71
C ASN A 163 -20.32 -4.84 -9.62
N SER A 164 -19.17 -4.25 -9.94
CA SER A 164 -17.88 -4.93 -9.81
C SER A 164 -16.83 -4.01 -9.20
N GLN A 165 -15.84 -4.62 -8.56
CA GLN A 165 -14.69 -3.88 -8.01
C GLN A 165 -13.39 -4.55 -8.44
N GLU A 166 -12.38 -3.73 -8.74
CA GLU A 166 -11.08 -4.19 -9.21
C GLU A 166 -9.98 -3.93 -8.19
N SER A 167 -8.97 -4.80 -8.20
CA SER A 167 -7.76 -4.61 -7.40
C SER A 167 -6.54 -5.00 -8.22
N VAL A 168 -5.46 -4.22 -8.11
CA VAL A 168 -4.24 -4.47 -8.87
C VAL A 168 -3.04 -4.57 -7.92
N THR A 169 -2.19 -5.57 -8.14
CA THR A 169 -0.96 -5.71 -7.34
C THR A 169 0.03 -4.61 -7.69
N GLU A 170 0.93 -4.31 -6.75
CA GLU A 170 2.06 -3.44 -7.03
C GLU A 170 2.96 -4.14 -8.02
N GLN A 171 3.64 -3.37 -8.86
CA GLN A 171 4.60 -3.92 -9.79
C GLN A 171 5.66 -4.69 -9.01
N ASP A 172 5.73 -6.00 -9.22
CA ASP A 172 6.66 -6.85 -8.49
C ASP A 172 8.07 -6.75 -9.07
N SER A 173 9.02 -7.43 -8.44
CA SER A 173 10.44 -7.29 -8.80
C SER A 173 11.06 -8.56 -9.40
N LYS A 174 10.21 -9.56 -9.66
CA LYS A 174 10.68 -10.83 -10.24
C LYS A 174 10.57 -10.83 -11.77
N ASP A 175 9.52 -10.21 -12.29
CA ASP A 175 9.31 -10.13 -13.74
C ASP A 175 8.74 -8.78 -14.21
N SER A 176 8.66 -7.82 -13.29
CA SER A 176 8.18 -6.45 -13.56
C SER A 176 6.73 -6.38 -14.06
N THR A 177 5.92 -7.35 -13.68
CA THR A 177 4.53 -7.42 -14.15
C THR A 177 3.52 -7.01 -13.08
N TYR A 178 2.29 -6.82 -13.52
CA TYR A 178 1.15 -6.58 -12.66
C TYR A 178 0.21 -7.76 -12.74
N SER A 179 -0.61 -7.91 -11.71
CA SER A 179 -1.76 -8.81 -11.77
C SER A 179 -2.99 -8.06 -11.29
N LEU A 180 -4.16 -8.48 -11.77
CA LEU A 180 -5.41 -7.81 -11.48
C LEU A 180 -6.51 -8.82 -11.15
N SER A 181 -7.32 -8.47 -10.15
CA SER A 181 -8.48 -9.25 -9.77
C SER A 181 -9.74 -8.39 -9.91
N SER A 182 -10.74 -8.91 -10.61
CA SER A 182 -12.04 -8.25 -10.74
C SER A 182 -13.14 -9.13 -10.17
N THR A 183 -13.92 -8.56 -9.24
CA THR A 183 -14.99 -9.30 -8.59
C THR A 183 -16.35 -8.72 -8.94
N LEU A 184 -17.17 -9.52 -9.62
CA LEU A 184 -18.55 -9.17 -9.88
C LEU A 184 -19.43 -9.70 -8.75
N THR A 185 -20.18 -8.81 -8.12
CA THR A 185 -21.04 -9.17 -6.99
C THR A 185 -22.50 -9.00 -7.34
N LEU A 186 -23.24 -10.11 -7.24
CA LEU A 186 -24.67 -10.16 -7.52
C LEU A 186 -25.39 -10.83 -6.37
N SER A 187 -26.69 -10.61 -6.25
CA SER A 187 -27.51 -11.42 -5.34
C SER A 187 -27.58 -12.84 -5.92
N LYS A 188 -27.79 -13.82 -5.04
CA LYS A 188 -27.97 -15.21 -5.48
C LYS A 188 -29.17 -15.31 -6.42
N ALA A 189 -30.23 -14.58 -6.10
CA ALA A 189 -31.44 -14.53 -6.93
C ALA A 189 -31.14 -14.08 -8.36
N ASP A 190 -30.41 -12.97 -8.49
CA ASP A 190 -30.00 -12.46 -9.81
C ASP A 190 -29.02 -13.41 -10.50
N TYR A 191 -28.12 -14.03 -9.73
CA TYR A 191 -27.17 -15.00 -10.27
C TYR A 191 -27.86 -16.20 -10.91
N GLU A 192 -28.89 -16.71 -10.24
CA GLU A 192 -29.60 -17.92 -10.69
C GLU A 192 -30.56 -17.68 -11.85
N LYS A 193 -30.82 -16.41 -12.16
CA LYS A 193 -31.70 -16.04 -13.27
C LYS A 193 -30.97 -16.07 -14.63
N HIS A 194 -29.65 -16.14 -14.59
CA HIS A 194 -28.84 -16.08 -15.81
C HIS A 194 -27.91 -17.29 -15.94
N LYS A 195 -27.39 -17.52 -17.13
CA LYS A 195 -26.57 -18.72 -17.40
C LYS A 195 -25.12 -18.40 -17.77
N VAL A 196 -24.91 -17.46 -18.69
CA VAL A 196 -23.57 -17.18 -19.22
C VAL A 196 -22.90 -16.01 -18.51
N TYR A 197 -21.79 -16.31 -17.84
CA TYR A 197 -20.99 -15.29 -17.15
C TYR A 197 -19.63 -15.16 -17.81
N ALA A 198 -19.32 -13.94 -18.25
CA ALA A 198 -18.15 -13.70 -19.08
C ALA A 198 -17.33 -12.50 -18.62
N CYS A 199 -16.02 -12.67 -18.67
CA CYS A 199 -15.06 -11.60 -18.38
CA CYS A 199 -15.10 -11.59 -18.41
C CYS A 199 -14.25 -11.32 -19.66
N GLU A 200 -14.41 -10.12 -20.21
CA GLU A 200 -13.70 -9.74 -21.43
C GLU A 200 -12.54 -8.81 -21.09
N VAL A 201 -11.34 -9.21 -21.51
CA VAL A 201 -10.12 -8.47 -21.19
C VAL A 201 -9.52 -7.82 -22.43
N THR A 202 -9.32 -6.50 -22.35
CA THR A 202 -8.62 -5.74 -23.39
C THR A 202 -7.25 -5.33 -22.85
N HIS A 203 -6.20 -5.69 -23.58
CA HIS A 203 -4.82 -5.38 -23.20
C HIS A 203 -3.91 -5.35 -24.42
N GLN A 204 -2.90 -4.48 -24.40
CA GLN A 204 -1.95 -4.30 -25.50
C GLN A 204 -1.28 -5.61 -25.97
N GLY A 205 -1.04 -6.52 -25.04
CA GLY A 205 -0.37 -7.79 -25.33
C GLY A 205 -1.25 -8.83 -26.00
N LEU A 206 -2.56 -8.59 -25.98
CA LEU A 206 -3.51 -9.50 -26.60
C LEU A 206 -3.70 -9.13 -28.07
N SER A 207 -3.80 -10.16 -28.92
CA SER A 207 -4.06 -9.96 -30.35
C SER A 207 -5.43 -9.34 -30.57
N SER A 208 -6.35 -9.66 -29.67
CA SER A 208 -7.73 -9.16 -29.69
C SER A 208 -8.28 -9.36 -28.28
N PRO A 209 -9.31 -8.59 -27.88
CA PRO A 209 -9.89 -8.83 -26.56
C PRO A 209 -10.22 -10.31 -26.32
N VAL A 210 -9.79 -10.83 -25.18
CA VAL A 210 -9.98 -12.24 -24.83
C VAL A 210 -11.12 -12.37 -23.81
N THR A 211 -11.99 -13.35 -24.03
CA THR A 211 -13.10 -13.61 -23.11
C THR A 211 -12.96 -14.98 -22.48
N LYS A 212 -13.02 -15.01 -21.15
CA LYS A 212 -13.15 -16.26 -20.41
C LYS A 212 -14.53 -16.31 -19.79
N SER A 213 -15.19 -17.45 -19.91
CA SER A 213 -16.58 -17.58 -19.48
C SER A 213 -16.91 -18.97 -18.94
N PHE A 214 -18.04 -19.06 -18.25
CA PHE A 214 -18.59 -20.35 -17.82
C PHE A 214 -20.12 -20.34 -17.91
N ASN A 215 -20.70 -21.54 -17.94
CA ASN A 215 -22.14 -21.71 -17.83
C ASN A 215 -22.49 -22.13 -16.41
N ARG A 216 -23.39 -21.38 -15.77
CA ARG A 216 -23.76 -21.58 -14.36
C ARG A 216 -24.18 -23.02 -14.06
N ASP B 1 21.96 -1.30 16.40
CA ASP B 1 21.52 -0.13 15.59
C ASP B 1 20.23 0.48 16.14
N VAL B 2 20.06 1.78 15.91
CA VAL B 2 18.85 2.49 16.36
C VAL B 2 17.65 1.99 15.56
N GLN B 3 16.61 1.57 16.30
CA GLN B 3 15.34 1.22 15.67
C GLN B 3 14.15 1.77 16.43
N LEU B 4 13.09 2.05 15.67
CA LEU B 4 11.84 2.59 16.23
C LEU B 4 10.70 1.65 15.92
N GLN B 5 9.77 1.52 16.86
CA GLN B 5 8.59 0.68 16.66
C GLN B 5 7.34 1.33 17.25
N GLU B 6 6.32 1.46 16.42
CA GLU B 6 5.02 1.96 16.82
C GLU B 6 4.19 0.85 17.43
N SER B 7 3.43 1.19 18.45
CA SER B 7 2.47 0.26 19.04
C SER B 7 1.20 1.01 19.43
N GLY B 8 0.09 0.29 19.41
CA GLY B 8 -1.20 0.83 19.81
C GLY B 8 -2.33 0.10 19.15
N PRO B 9 -3.58 0.56 19.36
CA PRO B 9 -4.75 -0.10 18.81
C PRO B 9 -4.89 0.16 17.31
N GLY B 10 -5.51 -0.80 16.62
CA GLY B 10 -5.74 -0.68 15.17
C GLY B 10 -7.10 -0.12 14.83
N LEU B 11 -7.97 -0.01 15.83
CA LEU B 11 -9.33 0.50 15.64
C LEU B 11 -9.75 1.39 16.80
N VAL B 12 -10.16 2.62 16.49
CA VAL B 12 -10.61 3.60 17.47
C VAL B 12 -11.96 4.18 17.02
N LYS B 13 -12.86 4.40 17.98
CA LYS B 13 -14.16 4.97 17.67
C LYS B 13 -14.09 6.48 17.57
N PRO B 14 -14.90 7.10 16.69
CA PRO B 14 -14.96 8.55 16.54
C PRO B 14 -15.31 9.24 17.85
N SER B 15 -14.75 10.44 18.04
CA SER B 15 -14.89 11.26 19.26
C SER B 15 -13.93 10.85 20.39
N GLN B 16 -13.38 9.64 20.32
CA GLN B 16 -12.45 9.14 21.33
C GLN B 16 -11.01 9.55 21.01
N SER B 17 -10.07 9.08 21.84
CA SER B 17 -8.67 9.45 21.69
C SER B 17 -7.81 8.33 21.14
N LEU B 18 -6.94 8.70 20.20
CA LEU B 18 -5.95 7.79 19.63
C LEU B 18 -4.66 7.92 20.44
N SER B 19 -4.14 6.80 20.91
CA SER B 19 -2.92 6.80 21.73
C SER B 19 -1.87 5.80 21.23
N LEU B 20 -0.83 6.32 20.58
CA LEU B 20 0.26 5.50 20.07
C LEU B 20 1.56 5.72 20.81
N THR B 21 2.38 4.67 20.84
CA THR B 21 3.69 4.71 21.48
C THR B 21 4.76 4.38 20.45
N CYS B 22 5.84 5.15 20.47
CA CYS B 22 7.05 4.82 19.73
C CYS B 22 8.10 4.37 20.73
N SER B 23 8.53 3.11 20.61
CA SER B 23 9.59 2.57 21.45
C SER B 23 10.90 2.60 20.67
N VAL B 24 11.90 3.25 21.26
CA VAL B 24 13.20 3.43 20.63
C VAL B 24 14.22 2.47 21.24
N THR B 25 14.87 1.69 20.38
CA THR B 25 15.87 0.72 20.81
C THR B 25 17.26 1.18 20.40
N ASP B 26 18.21 1.00 21.32
CA ASP B 26 19.64 1.28 21.07
C ASP B 26 19.93 2.76 20.79
N TYR B 27 19.11 3.64 21.36
CA TYR B 27 19.38 5.08 21.37
C TYR B 27 18.61 5.82 22.46
N SER B 28 19.29 6.72 23.14
CA SER B 28 18.67 7.53 24.18
C SER B 28 18.01 8.75 23.56
N ILE B 29 16.72 8.92 23.79
CA ILE B 29 15.96 10.01 23.15
C ILE B 29 16.35 11.41 23.65
N THR B 30 17.14 11.46 24.72
CA THR B 30 17.64 12.73 25.24
C THR B 30 18.97 13.14 24.58
N SER B 31 19.56 12.23 23.81
CA SER B 31 20.89 12.44 23.24
C SER B 31 20.95 13.40 22.05
N GLY B 32 19.81 13.60 21.39
CA GLY B 32 19.74 14.49 20.24
C GLY B 32 18.52 14.21 19.39
N TYR B 33 18.43 14.92 18.25
CA TYR B 33 17.42 14.69 17.20
C TYR B 33 16.02 15.18 17.54
N TYR B 34 15.21 15.33 16.49
CA TYR B 34 13.77 15.52 16.60
C TYR B 34 13.13 14.16 16.45
N TRP B 35 12.04 13.94 17.18
CA TRP B 35 11.36 12.66 17.19
C TRP B 35 9.95 12.89 16.70
N ASN B 36 9.70 12.48 15.46
CA ASN B 36 8.51 12.90 14.72
C ASN B 36 7.41 11.86 14.69
N TRP B 37 6.18 12.35 14.53
CA TRP B 37 5.07 11.53 14.06
C TRP B 37 4.66 12.01 12.68
N ILE B 38 4.57 11.07 11.75
CA ILE B 38 4.20 11.35 10.37
C ILE B 38 3.15 10.30 10.00
N ARG B 39 2.06 10.73 9.38
CA ARG B 39 1.03 9.78 8.99
C ARG B 39 0.77 9.77 7.49
N GLN B 40 0.32 8.62 7.01
CA GLN B 40 0.01 8.45 5.59
C GLN B 40 -1.43 8.00 5.43
N PHE B 41 -2.22 8.83 4.77
CA PHE B 41 -3.64 8.58 4.56
C PHE B 41 -3.86 7.50 3.48
N PRO B 42 -5.06 6.88 3.48
N PRO B 42 -5.08 6.92 3.42
CA PRO B 42 -5.46 6.08 2.33
CA PRO B 42 -5.41 5.86 2.45
C PRO B 42 -5.41 6.96 1.07
C PRO B 42 -4.93 6.14 1.01
N GLY B 43 -4.77 6.46 0.03
N GLY B 43 -5.05 7.37 0.55
CA GLY B 43 -4.49 7.27 -1.14
CA GLY B 43 -4.62 7.73 -0.81
C GLY B 43 -3.03 7.71 -1.16
C GLY B 43 -3.14 8.09 -0.92
N ASN B 44 -2.35 7.50 -0.03
CA ASN B 44 -0.87 7.69 0.07
C ASN B 44 -0.30 9.09 0.37
N LYS B 45 -1.16 10.09 0.58
CA LYS B 45 -0.67 11.43 0.95
C LYS B 45 -0.02 11.38 2.34
N LEU B 46 1.13 12.05 2.46
CA LEU B 46 1.89 12.10 3.71
C LEU B 46 1.69 13.43 4.42
N GLU B 47 1.56 13.37 5.75
CA GLU B 47 1.41 14.56 6.58
C GLU B 47 2.34 14.50 7.79
N TRP B 48 3.14 15.55 7.97
CA TRP B 48 3.95 15.69 9.17
C TRP B 48 3.07 16.20 10.30
N MET B 49 2.98 15.46 11.41
CA MET B 49 2.08 15.83 12.49
C MET B 49 2.74 16.73 13.53
N GLY B 50 4.00 16.42 13.84
CA GLY B 50 4.75 17.20 14.81
C GLY B 50 5.94 16.43 15.32
N TYR B 51 6.70 17.05 16.23
CA TYR B 51 7.79 16.36 16.87
C TYR B 51 7.91 16.71 18.33
N ILE B 52 8.69 15.89 19.03
CA ILE B 52 9.23 16.24 20.34
C ILE B 52 10.76 16.21 20.18
N SER B 53 11.42 17.23 20.73
CA SER B 53 12.86 17.34 20.62
C SER B 53 13.58 16.57 21.72
N TYR B 54 14.92 16.52 21.63
CA TYR B 54 15.76 15.88 22.63
C TYR B 54 15.59 16.47 24.02
N ASP B 55 15.05 17.69 24.10
CA ASP B 55 14.80 18.36 25.39
C ASP B 55 13.32 18.34 25.80
N GLY B 56 12.51 17.63 25.03
CA GLY B 56 11.09 17.51 25.35
C GLY B 56 10.21 18.61 24.81
N SER B 57 10.80 19.58 24.11
CA SER B 57 10.01 20.66 23.53
C SER B 57 9.23 20.14 22.31
N ASN B 58 7.97 20.54 22.22
CA ASN B 58 7.13 20.11 21.11
C ASN B 58 6.99 21.14 19.99
N ASN B 59 6.60 20.65 18.83
CA ASN B 59 6.29 21.50 17.68
C ASN B 59 5.24 20.76 16.89
N TYR B 60 4.06 21.36 16.74
CA TYR B 60 2.94 20.70 16.09
C TYR B 60 2.54 21.36 14.77
N ASN B 61 2.09 20.53 13.83
CA ASN B 61 1.43 21.03 12.63
C ASN B 61 0.22 21.86 13.06
N PRO B 62 0.14 23.12 12.60
CA PRO B 62 -0.95 24.04 12.97
C PRO B 62 -2.35 23.47 12.76
N SER B 63 -2.50 22.59 11.76
CA SER B 63 -3.79 21.98 11.45
C SER B 63 -4.26 20.97 12.49
N LEU B 64 -3.34 20.57 13.38
CA LEU B 64 -3.63 19.60 14.43
C LEU B 64 -3.42 20.15 15.85
N LYS B 65 -2.84 21.35 15.94
CA LYS B 65 -2.39 21.92 17.23
C LYS B 65 -3.44 21.89 18.36
N ASN B 66 -4.72 21.90 17.99
CA ASN B 66 -5.80 21.91 18.97
C ASN B 66 -6.20 20.53 19.50
N ARG B 67 -5.76 19.47 18.82
CA ARG B 67 -6.16 18.10 19.12
C ARG B 67 -4.99 17.21 19.52
N ILE B 68 -3.79 17.62 19.14
CA ILE B 68 -2.61 16.78 19.25
C ILE B 68 -1.79 17.03 20.52
N SER B 69 -1.16 15.97 21.02
CA SER B 69 -0.20 16.03 22.11
C SER B 69 0.91 15.01 21.84
N ILE B 70 2.15 15.49 21.83
CA ILE B 70 3.32 14.61 21.75
C ILE B 70 4.13 14.75 23.04
N THR B 71 4.24 13.66 23.78
CA THR B 71 4.99 13.64 25.03
C THR B 71 6.00 12.49 24.99
N ARG B 72 6.79 12.35 26.05
CA ARG B 72 7.82 11.31 26.10
C ARG B 72 8.08 10.81 27.52
N ASP B 73 8.70 9.64 27.59
CA ASP B 73 9.25 9.13 28.84
C ASP B 73 10.72 8.77 28.59
N PRO B 74 11.63 9.72 28.88
CA PRO B 74 13.08 9.56 28.65
C PRO B 74 13.67 8.34 29.36
N SER B 75 13.13 8.00 30.53
CA SER B 75 13.60 6.85 31.31
C SER B 75 13.34 5.53 30.60
N LYS B 76 12.36 5.52 29.70
CA LYS B 76 11.98 4.31 28.96
C LYS B 76 12.30 4.40 27.47
N ASP B 77 12.88 5.52 27.06
CA ASP B 77 13.15 5.80 25.64
C ASP B 77 11.92 5.55 24.77
N GLN B 78 10.80 6.12 25.22
CA GLN B 78 9.54 6.04 24.51
C GLN B 78 9.03 7.46 24.31
N PHE B 79 8.39 7.70 23.17
CA PHE B 79 7.60 8.92 23.02
C PHE B 79 6.22 8.58 22.50
N PHE B 80 5.27 9.50 22.71
CA PHE B 80 3.87 9.18 22.57
C PHE B 80 3.13 10.14 21.67
N LEU B 81 2.12 9.64 20.98
CA LEU B 81 1.18 10.47 20.24
C LEU B 81 -0.19 10.31 20.86
N ASN B 82 -0.80 11.44 21.22
CA ASN B 82 -2.20 11.45 21.62
C ASN B 82 -2.97 12.41 20.71
N LEU B 83 -3.96 11.86 20.01
CA LEU B 83 -4.81 12.65 19.12
C LEU B 83 -6.25 12.55 19.61
N ASN B 84 -6.77 13.67 20.11
CA ASN B 84 -8.12 13.73 20.67
C ASN B 84 -9.21 13.90 19.62
N SER B 85 -10.44 13.54 20.01
CA SER B 85 -11.63 13.76 19.20
C SER B 85 -11.45 13.33 17.74
N VAL B 86 -11.05 12.07 17.55
CA VAL B 86 -10.77 11.55 16.22
C VAL B 86 -12.03 11.40 15.36
N THR B 87 -11.87 11.57 14.05
CA THR B 87 -12.93 11.32 13.09
C THR B 87 -12.43 10.31 12.06
N THR B 88 -13.30 9.92 11.14
CA THR B 88 -12.94 9.01 10.04
C THR B 88 -11.73 9.51 9.24
N GLU B 89 -11.56 10.83 9.20
CA GLU B 89 -10.46 11.48 8.47
C GLU B 89 -9.08 11.18 9.07
N ASP B 90 -9.07 10.68 10.30
CA ASP B 90 -7.82 10.33 11.00
C ASP B 90 -7.36 8.90 10.72
N THR B 91 -8.11 8.16 9.91
CA THR B 91 -7.71 6.84 9.45
C THR B 91 -6.43 6.99 8.62
N ALA B 92 -5.37 6.30 9.02
CA ALA B 92 -4.05 6.47 8.41
C ALA B 92 -3.07 5.45 8.95
N THR B 93 -1.94 5.32 8.27
CA THR B 93 -0.81 4.59 8.82
C THR B 93 0.09 5.60 9.49
N TYR B 94 0.38 5.35 10.77
CA TYR B 94 1.15 6.25 11.60
C TYR B 94 2.59 5.78 11.76
N TYR B 95 3.52 6.67 11.43
CA TYR B 95 4.95 6.39 11.57
C TYR B 95 5.58 7.27 12.61
N CYS B 96 6.47 6.69 13.41
CA CYS B 96 7.37 7.50 14.21
C CYS B 96 8.77 7.48 13.58
N THR B 97 9.48 8.59 13.72
CA THR B 97 10.80 8.75 13.07
C THR B 97 11.78 9.46 13.97
N ARG B 98 13.07 9.20 13.74
CA ARG B 98 14.13 10.01 14.32
C ARG B 98 14.68 10.86 13.19
N GLY B 99 14.41 12.16 13.24
CA GLY B 99 14.69 13.04 12.11
C GLY B 99 14.03 12.48 10.86
N SER B 100 14.70 12.63 9.72
CA SER B 100 14.18 12.10 8.44
C SER B 100 14.78 10.74 8.09
N LEU B 101 15.76 10.29 8.87
CA LEU B 101 16.60 9.16 8.49
C LEU B 101 16.11 7.80 9.00
N VAL B 102 15.63 7.75 10.23
CA VAL B 102 15.24 6.47 10.84
C VAL B 102 13.73 6.40 11.02
N TRP B 103 13.12 5.37 10.44
CA TRP B 103 11.66 5.22 10.43
C TRP B 103 11.24 3.94 11.12
N GLY B 104 10.12 4.00 11.84
CA GLY B 104 9.45 2.79 12.31
C GLY B 104 8.81 2.07 11.15
N GLN B 105 8.16 0.93 11.42
CA GLN B 105 7.53 0.13 10.37
C GLN B 105 6.14 0.66 10.03
N GLY B 106 5.61 1.54 10.87
CA GLY B 106 4.26 2.06 10.67
C GLY B 106 3.20 1.17 11.29
N THR B 107 2.13 1.80 11.77
CA THR B 107 1.00 1.06 12.32
C THR B 107 -0.31 1.67 11.80
N LEU B 108 -1.16 0.83 11.23
CA LEU B 108 -2.44 1.28 10.69
C LEU B 108 -3.45 1.51 11.81
N VAL B 109 -4.06 2.68 11.80
CA VAL B 109 -5.17 2.97 12.71
C VAL B 109 -6.40 3.34 11.88
N THR B 110 -7.46 2.58 12.08
CA THR B 110 -8.75 2.85 11.44
C THR B 110 -9.67 3.51 12.46
N VAL B 111 -10.28 4.63 12.08
CA VAL B 111 -11.25 5.29 12.95
C VAL B 111 -12.65 5.05 12.37
N SER B 112 -13.47 4.34 13.15
CA SER B 112 -14.82 3.97 12.72
C SER B 112 -15.64 3.52 13.91
N ALA B 113 -16.95 3.74 13.85
CA ALA B 113 -17.87 3.27 14.88
C ALA B 113 -18.26 1.80 14.67
N ALA B 114 -17.90 1.25 13.51
CA ALA B 114 -18.24 -0.12 13.14
C ALA B 114 -17.53 -1.17 13.97
N SER B 115 -18.19 -2.30 14.18
CA SER B 115 -17.64 -3.38 14.99
C SER B 115 -16.63 -4.21 14.22
N THR B 116 -15.67 -4.79 14.94
CA THR B 116 -14.74 -5.75 14.39
C THR B 116 -15.52 -6.96 13.85
N LYS B 117 -15.11 -7.46 12.68
CA LYS B 117 -15.78 -8.58 12.02
C LYS B 117 -14.78 -9.47 11.30
N GLY B 118 -14.80 -10.76 11.60
CA GLY B 118 -13.94 -11.73 10.93
C GLY B 118 -14.40 -12.06 9.52
N PRO B 119 -13.46 -12.49 8.66
CA PRO B 119 -13.77 -12.80 7.26
C PRO B 119 -14.45 -14.15 7.05
N SER B 120 -15.20 -14.24 5.95
CA SER B 120 -15.57 -15.50 5.34
C SER B 120 -14.46 -15.85 4.38
N VAL B 121 -14.14 -17.14 4.27
CA VAL B 121 -13.13 -17.59 3.31
C VAL B 121 -13.73 -18.59 2.35
N PHE B 122 -13.80 -18.21 1.07
CA PHE B 122 -14.40 -19.04 0.04
C PHE B 122 -13.32 -19.49 -0.95
N PRO B 123 -13.43 -20.73 -1.45
CA PRO B 123 -12.45 -21.22 -2.42
C PRO B 123 -12.64 -20.64 -3.81
N LEU B 124 -11.53 -20.40 -4.49
CA LEU B 124 -11.54 -20.10 -5.92
C LEU B 124 -10.95 -21.34 -6.60
N ALA B 125 -11.83 -22.24 -7.00
CA ALA B 125 -11.42 -23.59 -7.44
C ALA B 125 -10.78 -23.59 -8.83
N PRO B 126 -9.71 -24.40 -9.01
CA PRO B 126 -9.11 -24.51 -10.34
C PRO B 126 -10.05 -25.21 -11.32
N SER B 127 -10.11 -24.72 -12.55
CA SER B 127 -10.99 -25.26 -13.58
C SER B 127 -10.36 -26.44 -14.30
N GLY B 134 -0.99 -26.90 -19.00
CA GLY B 134 0.24 -26.42 -18.37
C GLY B 134 0.04 -26.04 -16.92
N THR B 135 -0.40 -24.81 -16.69
CA THR B 135 -0.59 -24.30 -15.32
C THR B 135 -2.06 -24.03 -15.00
N ALA B 136 -2.40 -24.17 -13.73
CA ALA B 136 -3.75 -23.89 -13.24
C ALA B 136 -3.71 -22.80 -12.19
N ALA B 137 -4.74 -21.97 -12.15
CA ALA B 137 -4.86 -20.94 -11.13
C ALA B 137 -5.95 -21.29 -10.12
N LEU B 138 -5.66 -21.03 -8.85
CA LEU B 138 -6.62 -21.23 -7.78
C LEU B 138 -6.39 -20.17 -6.71
N GLY B 139 -7.30 -20.06 -5.76
CA GLY B 139 -7.16 -19.07 -4.71
C GLY B 139 -8.20 -19.12 -3.63
N CYS B 140 -8.21 -18.07 -2.82
CA CYS B 140 -9.20 -17.89 -1.76
C CYS B 140 -9.75 -16.48 -1.80
N LEU B 141 -11.06 -16.38 -1.66
CA LEU B 141 -11.74 -15.11 -1.54
C LEU B 141 -11.99 -14.85 -0.06
N VAL B 142 -11.37 -13.81 0.46
CA VAL B 142 -11.44 -13.45 1.86
C VAL B 142 -12.38 -12.24 1.97
N LYS B 143 -13.62 -12.51 2.39
CA LYS B 143 -14.69 -11.55 2.22
C LYS B 143 -15.36 -11.13 3.53
N ASP B 144 -15.68 -9.84 3.62
CA ASP B 144 -16.54 -9.28 4.66
C ASP B 144 -15.86 -9.21 6.03
N TYR B 145 -14.68 -8.61 6.06
CA TYR B 145 -13.95 -8.42 7.33
C TYR B 145 -13.74 -6.95 7.63
N PHE B 146 -13.50 -6.63 8.91
CA PHE B 146 -13.23 -5.26 9.34
C PHE B 146 -12.57 -5.28 10.71
N PRO B 147 -11.55 -4.43 10.92
CA PRO B 147 -10.88 -3.57 9.95
C PRO B 147 -9.73 -4.30 9.25
N GLU B 148 -8.98 -3.57 8.43
CA GLU B 148 -7.72 -4.05 7.90
C GLU B 148 -6.73 -4.26 9.04
N PRO B 149 -5.71 -5.13 8.85
CA PRO B 149 -5.45 -5.95 7.68
C PRO B 149 -5.76 -7.43 7.88
N VAL B 150 -5.72 -8.18 6.78
CA VAL B 150 -5.61 -9.63 6.84
C VAL B 150 -4.27 -10.03 6.22
N THR B 151 -3.75 -11.17 6.67
CA THR B 151 -2.61 -11.78 5.98
C THR B 151 -3.04 -13.13 5.45
N VAL B 152 -2.48 -13.50 4.31
CA VAL B 152 -2.75 -14.79 3.69
C VAL B 152 -1.44 -15.48 3.35
N SER B 153 -1.28 -16.70 3.84
CA SER B 153 -0.20 -17.57 3.39
C SER B 153 -0.78 -18.81 2.73
N TRP B 154 0.08 -19.58 2.07
CA TRP B 154 -0.34 -20.82 1.42
C TRP B 154 0.50 -21.97 1.92
N ASN B 155 -0.17 -23.08 2.25
CA ASN B 155 0.47 -24.29 2.80
C ASN B 155 1.43 -23.97 3.95
N SER B 156 0.95 -23.13 4.88
CA SER B 156 1.69 -22.70 6.07
C SER B 156 3.00 -21.95 5.77
N GLY B 157 3.08 -21.33 4.60
CA GLY B 157 4.27 -20.57 4.20
C GLY B 157 5.22 -21.32 3.29
N ALA B 158 4.94 -22.61 3.07
CA ALA B 158 5.78 -23.45 2.21
C ALA B 158 5.61 -23.12 0.72
N LEU B 159 4.49 -22.49 0.37
CA LEU B 159 4.23 -22.08 -1.00
C LEU B 159 4.22 -20.56 -1.13
N THR B 160 5.22 -20.02 -1.83
CA THR B 160 5.35 -18.58 -2.03
C THR B 160 5.44 -18.21 -3.51
N SER B 161 5.98 -19.12 -4.31
CA SER B 161 6.15 -18.91 -5.75
C SER B 161 4.81 -18.83 -6.47
N GLY B 162 4.61 -17.75 -7.22
CA GLY B 162 3.39 -17.56 -8.02
C GLY B 162 2.18 -17.08 -7.23
N VAL B 163 2.40 -16.66 -5.98
CA VAL B 163 1.33 -16.17 -5.12
C VAL B 163 1.10 -14.67 -5.32
N HIS B 164 -0.15 -14.30 -5.60
CA HIS B 164 -0.55 -12.90 -5.62
C HIS B 164 -1.70 -12.64 -4.65
N THR B 165 -1.41 -11.89 -3.60
CA THR B 165 -2.43 -11.45 -2.65
C THR B 165 -2.75 -9.98 -2.93
N PHE B 166 -3.98 -9.74 -3.37
CA PHE B 166 -4.38 -8.44 -3.86
C PHE B 166 -4.68 -7.46 -2.74
N PRO B 167 -4.48 -6.16 -3.01
CA PRO B 167 -4.95 -5.14 -2.07
C PRO B 167 -6.44 -5.30 -1.81
N ALA B 168 -6.86 -5.08 -0.57
CA ALA B 168 -8.28 -5.16 -0.21
C ALA B 168 -9.07 -4.05 -0.88
N VAL B 169 -10.32 -4.35 -1.21
CA VAL B 169 -11.26 -3.33 -1.63
C VAL B 169 -12.27 -3.08 -0.52
N LEU B 170 -12.63 -1.82 -0.31
CA LEU B 170 -13.68 -1.48 0.62
C LEU B 170 -15.02 -1.52 -0.10
N GLN B 171 -15.86 -2.46 0.30
CA GLN B 171 -17.20 -2.64 -0.27
C GLN B 171 -18.13 -1.57 0.28
N SER B 172 -19.24 -1.33 -0.41
CA SER B 172 -20.23 -0.33 0.01
C SER B 172 -20.76 -0.58 1.43
N SER B 173 -20.74 -1.84 1.86
CA SER B 173 -21.16 -2.24 3.20
C SER B 173 -20.25 -1.70 4.30
N GLY B 174 -19.03 -1.31 3.92
CA GLY B 174 -18.02 -0.85 4.88
C GLY B 174 -17.10 -1.97 5.31
N LEU B 175 -17.31 -3.16 4.73
CA LEU B 175 -16.46 -4.32 4.99
C LEU B 175 -15.51 -4.54 3.83
N TYR B 176 -14.33 -5.09 4.13
CA TYR B 176 -13.30 -5.33 3.13
C TYR B 176 -13.41 -6.70 2.48
N SER B 177 -12.85 -6.79 1.28
CA SER B 177 -12.73 -8.06 0.57
C SER B 177 -11.44 -8.09 -0.22
N LEU B 178 -10.77 -9.23 -0.22
CA LEU B 178 -9.64 -9.44 -1.11
C LEU B 178 -9.56 -10.88 -1.56
N SER B 179 -8.82 -11.10 -2.63
CA SER B 179 -8.48 -12.44 -3.08
C SER B 179 -6.98 -12.67 -2.99
N SER B 180 -6.60 -13.91 -2.68
CA SER B 180 -5.24 -14.36 -2.82
C SER B 180 -5.25 -15.53 -3.79
N VAL B 181 -4.40 -15.46 -4.82
CA VAL B 181 -4.34 -16.49 -5.85
C VAL B 181 -2.94 -17.05 -5.98
N VAL B 182 -2.85 -18.22 -6.60
CA VAL B 182 -1.56 -18.84 -6.93
C VAL B 182 -1.70 -19.63 -8.23
N THR B 183 -0.69 -19.51 -9.09
CA THR B 183 -0.59 -20.33 -10.30
C THR B 183 0.27 -21.53 -9.98
N VAL B 184 -0.18 -22.69 -10.46
CA VAL B 184 0.34 -23.97 -10.03
C VAL B 184 0.33 -24.95 -11.22
N PRO B 185 1.30 -25.89 -11.28
CA PRO B 185 1.24 -26.90 -12.34
C PRO B 185 -0.02 -27.74 -12.21
N SER B 186 -0.79 -27.86 -13.29
CA SER B 186 -2.05 -28.60 -13.28
C SER B 186 -1.86 -30.06 -12.89
N SER B 187 -0.66 -30.57 -13.12
CA SER B 187 -0.30 -31.95 -12.78
C SER B 187 0.00 -32.16 -11.29
N SER B 188 0.07 -31.06 -10.54
CA SER B 188 0.33 -31.13 -9.10
C SER B 188 -0.97 -31.11 -8.28
N LEU B 189 -2.10 -30.95 -8.96
CA LEU B 189 -3.39 -30.88 -8.27
C LEU B 189 -3.75 -32.18 -7.55
N GLY B 190 -3.22 -33.29 -8.04
CA GLY B 190 -3.44 -34.60 -7.42
C GLY B 190 -2.29 -35.09 -6.57
N THR B 191 -1.28 -34.25 -6.37
CA THR B 191 -0.10 -34.61 -5.58
C THR B 191 0.13 -33.66 -4.40
N GLN B 192 -0.25 -32.40 -4.58
CA GLN B 192 -0.09 -31.40 -3.54
C GLN B 192 -1.41 -30.72 -3.23
N THR B 193 -1.81 -30.75 -1.96
CA THR B 193 -2.98 -30.01 -1.53
C THR B 193 -2.65 -28.52 -1.45
N TYR B 194 -3.67 -27.69 -1.67
CA TYR B 194 -3.51 -26.25 -1.55
C TYR B 194 -4.47 -25.70 -0.52
N ILE B 195 -3.88 -25.18 0.55
CA ILE B 195 -4.62 -24.64 1.67
C ILE B 195 -4.19 -23.19 1.91
N CYS B 196 -5.15 -22.27 1.91
CA CYS B 196 -4.83 -20.89 2.25
C CYS B 196 -5.01 -20.67 3.75
N ASN B 197 -4.03 -20.02 4.36
CA ASN B 197 -4.08 -19.72 5.78
C ASN B 197 -4.36 -18.25 5.96
N VAL B 198 -5.57 -17.94 6.42
CA VAL B 198 -6.03 -16.56 6.56
C VAL B 198 -5.98 -16.14 8.01
N ASN B 199 -5.30 -15.03 8.28
CA ASN B 199 -5.19 -14.49 9.62
C ASN B 199 -5.77 -13.09 9.68
N HIS B 200 -6.77 -12.89 10.52
CA HIS B 200 -7.34 -11.57 10.77
C HIS B 200 -7.19 -11.26 12.26
N LYS B 201 -6.06 -10.65 12.60
CA LYS B 201 -5.71 -10.37 14.00
C LYS B 201 -6.74 -9.53 14.76
N PRO B 202 -7.32 -8.48 14.13
CA PRO B 202 -8.30 -7.68 14.86
C PRO B 202 -9.48 -8.46 15.46
N SER B 203 -9.91 -9.54 14.79
CA SER B 203 -11.04 -10.33 15.28
C SER B 203 -10.62 -11.66 15.89
N ASN B 204 -9.31 -11.88 16.00
CA ASN B 204 -8.74 -13.14 16.50
C ASN B 204 -9.19 -14.35 15.69
N THR B 205 -9.21 -14.17 14.37
CA THR B 205 -9.66 -15.18 13.42
C THR B 205 -8.48 -15.82 12.70
N LYS B 206 -8.47 -17.15 12.70
CA LYS B 206 -7.54 -17.94 11.89
C LYS B 206 -8.34 -18.97 11.13
N VAL B 207 -8.30 -18.90 9.80
CA VAL B 207 -9.05 -19.83 8.95
C VAL B 207 -8.13 -20.51 7.93
N ASP B 208 -8.11 -21.84 7.95
CA ASP B 208 -7.47 -22.62 6.90
C ASP B 208 -8.55 -23.17 5.98
N LYS B 209 -8.43 -22.88 4.68
CA LYS B 209 -9.39 -23.37 3.69
C LYS B 209 -8.68 -24.18 2.61
N LYS B 210 -9.08 -25.44 2.46
CA LYS B 210 -8.58 -26.29 1.39
C LYS B 210 -9.26 -25.93 0.08
N VAL B 211 -8.45 -25.78 -0.97
CA VAL B 211 -8.96 -25.44 -2.29
C VAL B 211 -8.67 -26.61 -3.24
N GLU B 212 -9.72 -27.29 -3.67
CA GLU B 212 -9.58 -28.44 -4.58
C GLU B 212 -10.37 -28.24 -5.87
N PRO B 213 -9.99 -28.96 -6.94
CA PRO B 213 -10.66 -28.86 -8.24
C PRO B 213 -12.17 -29.11 -8.17
N LYS B 214 -12.92 -28.40 -9.01
CA LYS B 214 -14.37 -28.53 -9.07
C LYS B 214 -14.78 -29.76 -9.88
N SEP C 9 19.72 26.44 12.55
CA SEP C 9 19.64 25.69 11.27
CB SEP C 9 20.76 24.66 11.22
OG SEP C 9 20.56 23.81 10.10
C SEP C 9 18.31 24.98 11.14
O SEP C 9 17.83 24.41 12.13
P SEP C 9 21.62 22.68 9.69
O1P SEP C 9 22.94 23.42 9.56
O2P SEP C 9 21.10 22.16 8.37
O3P SEP C 9 21.57 21.67 10.81
N PRO C 10 17.72 25.00 9.93
CA PRO C 10 16.46 24.29 9.69
C PRO C 10 16.57 22.76 9.70
N GLY C 11 17.79 22.23 9.59
CA GLY C 11 18.01 20.78 9.64
C GLY C 11 17.75 20.18 11.01
N TPO C 12 17.64 18.86 11.08
CA TPO C 12 17.46 18.16 12.36
CB TPO C 12 17.17 16.68 12.14
CG2 TPO C 12 16.84 15.98 13.46
OG1 TPO C 12 16.09 16.49 11.24
P TPO C 12 16.34 15.81 9.81
O1P TPO C 12 17.31 16.71 9.09
O2P TPO C 12 14.97 15.80 9.22
O3P TPO C 12 16.86 14.42 10.09
C TPO C 12 18.74 18.29 13.15
O TPO C 12 19.81 17.93 12.66
N PRO C 13 18.64 18.80 14.40
CA PRO C 13 19.83 18.84 15.25
C PRO C 13 20.28 17.44 15.63
N GLY C 14 21.57 17.17 15.48
CA GLY C 14 22.12 15.85 15.73
C GLY C 14 22.39 15.59 17.20
N SEP C 15 23.37 14.75 17.47
CA SEP C 15 23.75 14.38 18.83
CB SEP C 15 24.71 13.20 18.80
OG SEP C 15 24.45 12.40 17.66
C SEP C 15 24.46 15.54 19.48
O SEP C 15 25.32 16.19 18.87
P SEP C 15 24.89 10.86 17.65
O1P SEP C 15 26.35 10.93 17.28
O2P SEP C 15 24.01 10.20 16.61
O3P SEP C 15 24.62 10.38 19.06
N ARG C 16 24.08 15.82 20.72
CA ARG C 16 24.69 16.89 21.50
C ARG C 16 26.06 16.48 22.02
#